data_1M53
#
_entry.id   1M53
#
_cell.length_a   59.239
_cell.length_b   94.153
_cell.length_c   111.294
_cell.angle_alpha   90.00
_cell.angle_beta   90.00
_cell.angle_gamma   90.00
#
_symmetry.space_group_name_H-M   'P 21 21 21'
#
loop_
_entity.id
_entity.type
_entity.pdbx_description
1 polymer 'Isomaltulose Synthase'
2 water water
#
_entity_poly.entity_id   1
_entity_poly.type   'polypeptide(L)'
_entity_poly.pdbx_seq_one_letter_code
;APSLNQDIHVQKESEYPAWWKEAVFYQIYPRSFKDTNDDGIGDIRGIIEKLDYLKSLGIDAIWINPHYDSPNTDNGYDIS
NYRQIMKEYGTMEDFDSLVAEMKKRNMRLMIDVVINHTSDQHPWFIQSKSDKNNPYRDYYFWRDGKDNQPPNNYPSFFGG
SAWQKDAKSGQYYLHYFARQQPDLNWDNPKVREDLYAMLRFWLDKGVSGMRFDTVATYSKIPGFPNLTPEQQKNFAEQYT
MGPNIHRYIQEMNRKVLSRYDVATAGEIFGVPLDRSSQFFDRRRHELNMAFMFDLIRLDRDSNERWRHKSWSLSQFRQII
SKMDVTVGKYGWNTFFLDNHDNPRAVSHFGDDRPQWREASAKALATITLTQRATPFIYQGSELGMTNYPFRQLNEFDDIE
VKGFWQDYVQSGKVTATEFLDNVRLTSRDNSRTPFQWNDTLNAGFTRGKPWFHINPNYVEINAEREETREDSVLNYYKKM
IQLRHHIPALVYGAYQDLNPQDNTVYAYTRTLGNERYLVVVNFKEYPVRYTLPANDAIEEVVIDTQQQAAAPHSTSLSLS
PWQAGVYKLR
;
_entity_poly.pdbx_strand_id   A
#
# COMPACT_ATOMS: atom_id res chain seq x y z
N GLU A 15 -25.92 -6.24 -3.94
CA GLU A 15 -25.06 -5.09 -4.34
C GLU A 15 -24.35 -4.50 -3.11
N TYR A 16 -25.07 -4.42 -1.99
CA TYR A 16 -24.52 -3.92 -0.73
C TYR A 16 -23.69 -2.64 -0.91
N PRO A 17 -24.34 -1.51 -1.17
CA PRO A 17 -23.62 -0.24 -1.35
C PRO A 17 -22.79 0.10 -0.11
N ALA A 18 -21.90 1.09 -0.24
CA ALA A 18 -21.04 1.53 0.86
C ALA A 18 -20.18 2.67 0.37
N TRP A 19 -20.01 3.69 1.20
CA TRP A 19 -19.21 4.85 0.79
C TRP A 19 -17.77 4.46 0.45
N TRP A 20 -17.17 3.58 1.27
CA TRP A 20 -15.79 3.14 1.07
C TRP A 20 -15.58 2.27 -0.17
N LYS A 21 -16.68 1.83 -0.77
CA LYS A 21 -16.61 1.01 -1.97
C LYS A 21 -16.61 1.90 -3.21
N GLU A 22 -17.22 3.07 -3.07
CA GLU A 22 -17.34 4.02 -4.18
C GLU A 22 -16.26 5.10 -4.14
N ALA A 23 -15.65 5.26 -2.96
CA ALA A 23 -14.65 6.28 -2.76
C ALA A 23 -13.32 6.05 -3.46
N VAL A 24 -12.58 7.14 -3.59
CA VAL A 24 -11.25 7.14 -4.16
C VAL A 24 -10.36 7.58 -3.01
N PHE A 25 -9.48 6.68 -2.59
CA PHE A 25 -8.55 6.95 -1.50
C PHE A 25 -7.20 7.47 -1.98
N TYR A 26 -6.60 8.34 -1.18
CA TYR A 26 -5.28 8.89 -1.48
C TYR A 26 -4.42 8.50 -0.27
N GLN A 27 -3.23 7.95 -0.53
CA GLN A 27 -2.32 7.59 0.57
C GLN A 27 -1.23 8.63 0.77
N ILE A 28 -1.04 9.06 2.01
CA ILE A 28 0.00 10.03 2.31
C ILE A 28 1.01 9.48 3.30
N TYR A 29 2.29 9.67 2.95
CA TYR A 29 3.43 9.26 3.76
C TYR A 29 3.91 10.63 4.23
N PRO A 30 3.34 11.15 5.34
CA PRO A 30 3.62 12.44 5.96
C PRO A 30 5.05 12.95 5.84
N ARG A 31 5.97 12.11 6.27
CA ARG A 31 7.38 12.43 6.25
C ARG A 31 7.80 13.00 4.89
N SER A 32 7.13 12.53 3.83
CA SER A 32 7.48 12.97 2.49
C SER A 32 6.40 13.71 1.71
N PHE A 33 5.39 14.23 2.38
CA PHE A 33 4.35 14.94 1.66
C PHE A 33 4.65 16.42 1.56
N LYS A 34 4.60 17.14 2.69
CA LYS A 34 4.88 18.57 2.66
C LYS A 34 5.43 19.08 3.98
N ASP A 35 6.57 19.77 3.90
CA ASP A 35 7.21 20.35 5.09
C ASP A 35 6.75 21.80 5.25
N THR A 36 6.40 22.21 6.48
CA THR A 36 5.97 23.58 6.72
C THR A 36 6.87 24.39 7.63
N ASN A 37 7.74 23.72 8.39
CA ASN A 37 8.65 24.43 9.29
C ASN A 37 10.11 24.37 8.83
N ASP A 38 10.32 23.82 7.63
CA ASP A 38 11.64 23.74 7.04
C ASP A 38 12.69 22.93 7.78
N ASP A 39 12.28 21.88 8.48
CA ASP A 39 13.26 21.04 9.16
C ASP A 39 13.59 19.90 8.19
N GLY A 40 12.97 19.95 7.00
CA GLY A 40 13.21 18.96 5.97
C GLY A 40 12.34 17.71 6.04
N ILE A 41 11.38 17.72 6.98
CA ILE A 41 10.50 16.58 7.19
C ILE A 41 9.05 16.96 7.01
N GLY A 42 8.32 16.17 6.23
CA GLY A 42 6.92 16.44 6.02
C GLY A 42 6.18 16.43 7.35
N ASP A 43 5.16 17.28 7.48
CA ASP A 43 4.39 17.35 8.73
C ASP A 43 2.88 17.45 8.48
N ILE A 44 2.11 17.36 9.57
CA ILE A 44 0.66 17.42 9.50
C ILE A 44 0.13 18.75 8.95
N ARG A 45 0.77 19.86 9.31
CA ARG A 45 0.32 21.15 8.80
C ARG A 45 0.51 21.17 7.29
N GLY A 46 1.47 20.39 6.80
CA GLY A 46 1.73 20.32 5.38
C GLY A 46 0.52 19.70 4.69
N ILE A 47 0.00 18.65 5.32
CA ILE A 47 -1.17 17.97 4.76
C ILE A 47 -2.34 18.96 4.72
N ILE A 48 -2.59 19.64 5.84
CA ILE A 48 -3.67 20.62 5.91
C ILE A 48 -3.53 21.62 4.76
N GLU A 49 -2.33 22.15 4.61
CA GLU A 49 -2.03 23.12 3.55
C GLU A 49 -2.43 22.62 2.16
N LYS A 50 -2.33 21.32 1.92
CA LYS A 50 -2.64 20.77 0.60
C LYS A 50 -4.00 20.09 0.43
N LEU A 51 -4.91 20.28 1.39
CA LEU A 51 -6.23 19.66 1.29
C LEU A 51 -7.00 20.15 0.06
N ASP A 52 -6.88 21.43 -0.29
CA ASP A 52 -7.57 21.94 -1.46
C ASP A 52 -7.04 21.25 -2.71
N TYR A 53 -5.73 21.00 -2.76
CA TYR A 53 -5.13 20.31 -3.90
C TYR A 53 -5.81 18.94 -4.05
N LEU A 54 -5.91 18.22 -2.94
CA LEU A 54 -6.51 16.89 -2.95
C LEU A 54 -8.02 16.86 -3.19
N LYS A 55 -8.72 17.92 -2.82
CA LYS A 55 -10.17 17.98 -3.03
C LYS A 55 -10.43 18.21 -4.50
N SER A 56 -9.63 19.10 -5.07
CA SER A 56 -9.73 19.45 -6.48
C SER A 56 -9.43 18.22 -7.32
N LEU A 57 -8.53 17.39 -6.81
CA LEU A 57 -8.12 16.16 -7.51
C LEU A 57 -9.33 15.23 -7.52
N GLY A 58 -10.18 15.36 -6.50
CA GLY A 58 -11.36 14.51 -6.41
C GLY A 58 -11.28 13.44 -5.33
N ILE A 59 -10.36 13.60 -4.39
CA ILE A 59 -10.17 12.64 -3.30
C ILE A 59 -11.31 12.60 -2.28
N ASP A 60 -11.72 11.40 -1.87
CA ASP A 60 -12.79 11.24 -0.90
C ASP A 60 -12.29 10.91 0.49
N ALA A 61 -11.20 10.15 0.55
CA ALA A 61 -10.63 9.75 1.83
C ALA A 61 -9.12 9.68 1.74
N ILE A 62 -8.48 9.92 2.87
CA ILE A 62 -7.03 9.89 2.93
C ILE A 62 -6.54 8.91 4.00
N TRP A 63 -5.58 8.08 3.61
CA TRP A 63 -4.97 7.15 4.55
C TRP A 63 -3.58 7.70 4.83
N ILE A 64 -3.31 8.04 6.08
CA ILE A 64 -1.97 8.53 6.42
C ILE A 64 -1.20 7.42 7.11
N ASN A 65 0.08 7.27 6.73
CA ASN A 65 0.93 6.27 7.34
C ASN A 65 1.08 6.69 8.82
N PRO A 66 1.66 5.82 9.66
CA PRO A 66 1.85 6.11 11.10
C PRO A 66 2.20 7.54 11.51
N HIS A 67 1.39 8.09 12.41
CA HIS A 67 1.60 9.46 12.88
C HIS A 67 1.85 9.57 14.40
N TYR A 68 2.16 8.44 15.03
CA TYR A 68 2.37 8.38 16.47
C TYR A 68 3.82 8.51 16.92
N ASP A 69 4.01 8.78 18.21
CA ASP A 69 5.34 8.90 18.79
C ASP A 69 6.16 7.67 18.42
N SER A 70 7.34 7.91 17.85
CA SER A 70 8.18 6.80 17.40
C SER A 70 9.66 7.15 17.23
N PRO A 71 10.55 6.23 17.60
CA PRO A 71 12.01 6.45 17.47
C PRO A 71 12.37 6.55 15.99
N ASN A 72 11.45 6.09 15.14
CA ASN A 72 11.60 6.13 13.70
C ASN A 72 12.66 5.20 13.13
N THR A 73 12.78 4.02 13.73
CA THR A 73 13.71 3.03 13.25
C THR A 73 13.11 2.49 11.96
N ASP A 74 11.79 2.57 11.88
CA ASP A 74 11.04 2.11 10.72
C ASP A 74 10.02 3.18 10.32
N ASN A 75 10.48 4.42 10.34
CA ASN A 75 9.68 5.59 9.99
C ASN A 75 8.23 5.55 10.44
N GLY A 76 8.02 5.38 11.73
CA GLY A 76 6.66 5.39 12.26
C GLY A 76 6.04 4.06 12.61
N TYR A 77 6.49 2.97 11.98
CA TYR A 77 5.91 1.66 12.28
C TYR A 77 6.43 1.03 13.56
N ASP A 78 7.31 1.73 14.26
CA ASP A 78 7.82 1.27 15.55
C ASP A 78 7.29 2.34 16.51
N ILE A 79 6.11 2.07 17.05
CA ILE A 79 5.41 2.99 17.95
C ILE A 79 5.79 2.85 19.42
N SER A 80 6.17 3.97 20.03
CA SER A 80 6.54 3.99 21.44
C SER A 80 5.42 4.56 22.31
N ASN A 81 4.38 5.08 21.67
CA ASN A 81 3.24 5.64 22.39
C ASN A 81 2.08 5.85 21.40
N TYR A 82 1.11 4.95 21.42
CA TYR A 82 -0.05 4.99 20.52
C TYR A 82 -0.95 6.22 20.56
N ARG A 83 -0.88 6.99 21.65
CA ARG A 83 -1.76 8.14 21.78
C ARG A 83 -1.11 9.50 21.62
N GLN A 84 0.17 9.50 21.31
CA GLN A 84 0.90 10.75 21.14
C GLN A 84 1.30 10.96 19.69
N ILE A 85 1.20 12.20 19.24
CA ILE A 85 1.55 12.56 17.87
C ILE A 85 3.07 12.62 17.74
N MET A 86 3.59 12.03 16.67
CA MET A 86 5.03 12.04 16.41
C MET A 86 5.53 13.49 16.45
N LYS A 87 6.60 13.72 17.19
CA LYS A 87 7.15 15.07 17.30
C LYS A 87 7.45 15.68 15.93
N GLU A 88 8.00 14.88 15.02
CA GLU A 88 8.32 15.36 13.69
C GLU A 88 7.10 15.85 12.93
N TYR A 89 5.94 15.26 13.20
CA TYR A 89 4.72 15.64 12.49
C TYR A 89 3.89 16.78 13.10
N GLY A 90 4.15 17.12 14.36
CA GLY A 90 3.40 18.20 15.00
C GLY A 90 2.78 17.87 16.34
N THR A 91 1.67 18.53 16.65
CA THR A 91 0.98 18.31 17.93
C THR A 91 -0.41 17.74 17.73
N MET A 92 -1.11 17.52 18.85
CA MET A 92 -2.47 16.99 18.81
C MET A 92 -3.37 18.01 18.14
N GLU A 93 -3.13 19.28 18.44
CA GLU A 93 -3.91 20.37 17.87
C GLU A 93 -3.86 20.29 16.34
N ASP A 94 -2.68 19.99 15.80
CA ASP A 94 -2.50 19.88 14.35
C ASP A 94 -3.35 18.74 13.82
N PHE A 95 -3.31 17.60 14.53
CA PHE A 95 -4.08 16.42 14.13
C PHE A 95 -5.56 16.76 14.17
N ASP A 96 -6.05 17.18 15.33
CA ASP A 96 -7.46 17.53 15.47
C ASP A 96 -7.86 18.47 14.34
N SER A 97 -7.00 19.44 14.06
CA SER A 97 -7.27 20.39 12.99
C SER A 97 -7.36 19.74 11.61
N LEU A 98 -6.63 18.64 11.40
CA LEU A 98 -6.66 17.94 10.11
C LEU A 98 -8.03 17.31 9.93
N VAL A 99 -8.48 16.57 10.95
CA VAL A 99 -9.79 15.92 10.93
C VAL A 99 -10.88 16.96 10.66
N ALA A 100 -10.78 18.10 11.35
CA ALA A 100 -11.75 19.18 11.20
C ALA A 100 -11.76 19.78 9.80
N GLU A 101 -10.58 20.09 9.28
CA GLU A 101 -10.49 20.67 7.94
C GLU A 101 -10.93 19.66 6.89
N MET A 102 -10.60 18.39 7.10
CA MET A 102 -11.00 17.36 6.16
C MET A 102 -12.52 17.20 6.18
N LYS A 103 -13.09 17.15 7.38
CA LYS A 103 -14.52 17.00 7.54
C LYS A 103 -15.25 18.14 6.85
N LYS A 104 -14.65 19.32 6.93
CA LYS A 104 -15.21 20.53 6.34
C LYS A 104 -15.31 20.38 4.82
N ARG A 105 -14.37 19.62 4.24
CA ARG A 105 -14.32 19.40 2.81
C ARG A 105 -14.89 18.02 2.43
N ASN A 106 -15.64 17.42 3.34
CA ASN A 106 -16.23 16.11 3.12
C ASN A 106 -15.22 15.02 2.76
N MET A 107 -14.09 15.03 3.44
CA MET A 107 -13.05 14.04 3.22
C MET A 107 -12.89 13.22 4.49
N ARG A 108 -12.78 11.90 4.34
CA ARG A 108 -12.63 11.04 5.49
C ARG A 108 -11.19 10.66 5.78
N LEU A 109 -10.86 10.60 7.06
CA LEU A 109 -9.51 10.27 7.47
C LEU A 109 -9.38 8.84 7.96
N MET A 110 -8.45 8.11 7.35
CA MET A 110 -8.16 6.72 7.71
C MET A 110 -6.74 6.72 8.27
N ILE A 111 -6.58 6.19 9.48
CA ILE A 111 -5.25 6.13 10.08
C ILE A 111 -4.66 4.73 9.97
N ASP A 112 -3.35 4.64 10.18
CA ASP A 112 -2.60 3.40 10.09
C ASP A 112 -2.54 2.79 11.49
N VAL A 113 -3.07 1.59 11.65
CA VAL A 113 -3.05 0.93 12.94
C VAL A 113 -1.99 -0.16 12.97
N VAL A 114 -0.97 0.05 13.79
CA VAL A 114 0.13 -0.88 13.87
C VAL A 114 0.16 -1.53 15.26
N ILE A 115 -0.55 -2.64 15.40
CA ILE A 115 -0.64 -3.33 16.66
C ILE A 115 -0.16 -4.78 16.66
N ASN A 116 0.62 -5.17 15.65
CA ASN A 116 1.19 -6.50 15.59
C ASN A 116 2.45 -6.45 16.45
N HIS A 117 2.89 -5.23 16.70
CA HIS A 117 4.10 -4.98 17.49
C HIS A 117 4.17 -3.51 17.89
N THR A 118 5.13 -3.21 18.76
CA THR A 118 5.35 -1.85 19.23
C THR A 118 6.84 -1.58 19.16
N SER A 119 7.24 -0.38 19.54
CA SER A 119 8.66 -0.03 19.56
C SER A 119 9.28 -0.71 20.79
N ASP A 120 10.58 -0.94 20.77
CA ASP A 120 11.22 -1.55 21.93
C ASP A 120 11.43 -0.46 22.99
N GLN A 121 10.96 0.74 22.67
CA GLN A 121 11.04 1.87 23.58
C GLN A 121 9.65 2.24 24.10
N HIS A 122 8.69 1.33 23.89
CA HIS A 122 7.33 1.52 24.35
C HIS A 122 7.29 1.13 25.82
N PRO A 123 6.59 1.92 26.66
CA PRO A 123 6.49 1.62 28.09
C PRO A 123 6.22 0.16 28.42
N TRP A 124 5.32 -0.46 27.65
CA TRP A 124 5.00 -1.86 27.88
C TRP A 124 6.24 -2.75 27.72
N PHE A 125 7.07 -2.46 26.71
CA PHE A 125 8.25 -3.28 26.50
C PHE A 125 9.38 -2.94 27.45
N ILE A 126 9.45 -1.67 27.85
CA ILE A 126 10.50 -1.25 28.77
C ILE A 126 10.32 -2.00 30.09
N GLN A 127 9.07 -2.10 30.54
CA GLN A 127 8.76 -2.80 31.77
C GLN A 127 8.89 -4.30 31.56
N SER A 128 8.38 -4.78 30.43
CA SER A 128 8.45 -6.20 30.10
C SER A 128 9.89 -6.70 30.07
N LYS A 129 10.78 -5.80 29.67
CA LYS A 129 12.20 -6.08 29.53
C LYS A 129 12.98 -6.03 30.85
N SER A 130 12.45 -5.32 31.83
CA SER A 130 13.12 -5.16 33.11
C SER A 130 13.22 -6.41 33.99
N ASP A 131 12.20 -7.26 33.96
CA ASP A 131 12.22 -8.46 34.79
C ASP A 131 11.38 -9.60 34.22
N LYS A 132 11.71 -10.83 34.60
CA LYS A 132 10.98 -12.00 34.12
C LYS A 132 9.64 -12.16 34.85
N ASN A 133 9.44 -11.38 35.90
CA ASN A 133 8.21 -11.45 36.66
C ASN A 133 7.44 -10.13 36.64
N ASN A 134 7.93 -9.18 35.85
CA ASN A 134 7.28 -7.89 35.71
C ASN A 134 5.87 -8.09 35.16
N PRO A 135 4.88 -7.34 35.66
CA PRO A 135 3.48 -7.43 35.21
C PRO A 135 3.32 -7.44 33.68
N TYR A 136 4.13 -6.64 33.00
CA TYR A 136 4.06 -6.56 31.54
C TYR A 136 4.95 -7.58 30.84
N ARG A 137 5.50 -8.53 31.57
CA ARG A 137 6.37 -9.52 30.95
C ARG A 137 5.64 -10.29 29.85
N ASP A 138 4.39 -10.66 30.13
CA ASP A 138 3.56 -11.42 29.19
C ASP A 138 2.91 -10.57 28.10
N TYR A 139 3.41 -9.35 27.89
CA TYR A 139 2.88 -8.48 26.86
C TYR A 139 3.61 -8.75 25.55
N TYR A 140 4.68 -9.54 25.62
CA TYR A 140 5.46 -9.90 24.44
C TYR A 140 5.84 -11.37 24.55
N PHE A 141 6.62 -11.87 23.60
CA PHE A 141 7.03 -13.27 23.61
C PHE A 141 8.49 -13.48 24.00
N TRP A 142 8.71 -14.08 25.17
CA TRP A 142 10.06 -14.38 25.65
C TRP A 142 10.23 -15.88 25.76
N ARG A 143 11.29 -16.40 25.14
CA ARG A 143 11.56 -17.83 25.17
C ARG A 143 13.05 -18.07 25.36
N ASP A 144 13.39 -19.29 25.76
CA ASP A 144 14.78 -19.67 25.98
C ASP A 144 15.32 -20.41 24.75
N GLY A 145 16.57 -20.12 24.41
CA GLY A 145 17.18 -20.82 23.29
C GLY A 145 17.65 -22.13 23.88
N LYS A 146 16.91 -23.20 23.62
CA LYS A 146 17.23 -24.52 24.15
C LYS A 146 18.73 -24.83 24.26
N ASP A 147 19.54 -24.19 23.42
CA ASP A 147 20.98 -24.42 23.46
C ASP A 147 21.78 -23.13 23.36
N ASN A 148 22.82 -23.15 22.55
CA ASN A 148 23.68 -21.99 22.37
C ASN A 148 23.20 -21.16 21.18
N GLN A 149 21.89 -21.19 20.93
CA GLN A 149 21.29 -20.45 19.81
C GLN A 149 19.86 -20.01 20.12
N PRO A 150 19.18 -19.37 19.15
CA PRO A 150 17.80 -18.91 19.36
C PRO A 150 16.78 -20.04 19.49
N PRO A 151 15.60 -19.74 20.06
CA PRO A 151 14.52 -20.71 20.27
C PRO A 151 14.25 -21.61 19.07
N ASN A 152 14.00 -21.01 17.92
CA ASN A 152 13.76 -21.76 16.70
C ASN A 152 14.50 -21.12 15.54
N ASN A 153 14.08 -21.40 14.31
CA ASN A 153 14.73 -20.85 13.13
C ASN A 153 13.92 -19.78 12.39
N TYR A 154 13.04 -19.08 13.09
CA TYR A 154 12.22 -18.04 12.49
C TYR A 154 13.07 -16.91 11.90
N PRO A 155 12.82 -16.55 10.63
CA PRO A 155 13.57 -15.49 9.95
C PRO A 155 12.88 -14.14 10.19
N SER A 156 13.62 -13.05 10.05
CA SER A 156 13.05 -11.71 10.22
C SER A 156 12.93 -11.05 8.84
N PHE A 157 11.85 -10.29 8.63
CA PHE A 157 11.65 -9.62 7.35
C PHE A 157 12.78 -8.64 7.08
N PHE A 158 13.39 -8.13 8.15
CA PHE A 158 14.46 -7.16 8.04
C PHE A 158 15.88 -7.70 8.25
N GLY A 159 16.06 -9.01 8.03
CA GLY A 159 17.37 -9.63 8.16
C GLY A 159 17.63 -10.47 9.40
N GLY A 160 18.36 -11.56 9.21
CA GLY A 160 18.71 -12.44 10.31
C GLY A 160 17.55 -13.12 11.03
N SER A 161 17.75 -13.36 12.32
CA SER A 161 16.76 -14.04 13.16
C SER A 161 15.63 -13.17 13.69
N ALA A 162 14.46 -13.78 13.88
CA ALA A 162 13.29 -13.09 14.40
C ALA A 162 13.28 -13.17 15.93
N TRP A 163 14.42 -13.62 16.49
CA TRP A 163 14.57 -13.72 17.94
C TRP A 163 15.79 -12.93 18.38
N GLN A 164 15.59 -12.02 19.33
CA GLN A 164 16.68 -11.20 19.85
C GLN A 164 16.99 -11.56 21.29
N LYS A 165 18.25 -11.86 21.56
CA LYS A 165 18.67 -12.23 22.91
C LYS A 165 18.77 -11.04 23.84
N ASP A 166 18.21 -11.21 25.04
CA ASP A 166 18.24 -10.19 26.08
C ASP A 166 19.32 -10.61 27.07
N ALA A 167 20.44 -9.89 27.06
CA ALA A 167 21.56 -10.20 27.95
C ALA A 167 21.14 -10.37 29.41
N LYS A 168 20.41 -9.39 29.92
CA LYS A 168 19.96 -9.43 31.31
C LYS A 168 19.24 -10.73 31.64
N SER A 169 18.00 -10.86 31.19
CA SER A 169 17.21 -12.06 31.46
C SER A 169 17.83 -13.33 30.91
N GLY A 170 18.37 -13.26 29.69
CA GLY A 170 18.99 -14.43 29.08
C GLY A 170 18.12 -15.08 28.02
N GLN A 171 16.84 -14.69 27.97
CA GLN A 171 15.91 -15.24 26.99
C GLN A 171 15.88 -14.38 25.73
N TYR A 172 15.19 -14.85 24.71
CA TYR A 172 15.07 -14.10 23.44
C TYR A 172 13.64 -13.58 23.26
N TYR A 173 13.50 -12.37 22.72
CA TYR A 173 12.17 -11.83 22.49
C TYR A 173 11.92 -11.91 20.98
N LEU A 174 10.66 -12.07 20.59
CA LEU A 174 10.30 -12.21 19.18
C LEU A 174 10.00 -10.91 18.45
N HIS A 175 10.55 -10.81 17.23
CA HIS A 175 10.32 -9.67 16.36
C HIS A 175 10.36 -10.14 14.90
N TYR A 176 9.19 -10.20 14.27
CA TYR A 176 9.08 -10.60 12.87
C TYR A 176 9.80 -9.56 12.03
N PHE A 177 9.63 -8.30 12.42
CA PHE A 177 10.25 -7.20 11.71
C PHE A 177 11.55 -6.75 12.41
N ALA A 178 11.77 -5.44 12.56
CA ALA A 178 12.99 -4.95 13.18
C ALA A 178 13.23 -5.42 14.62
N ARG A 179 14.48 -5.34 15.07
CA ARG A 179 14.83 -5.71 16.43
C ARG A 179 14.06 -4.77 17.36
N GLN A 180 13.94 -3.52 16.92
CA GLN A 180 13.25 -2.52 17.72
C GLN A 180 11.74 -2.61 17.55
N GLN A 181 11.27 -3.76 17.08
CA GLN A 181 9.83 -3.98 16.89
C GLN A 181 9.34 -5.30 17.49
N PRO A 182 9.36 -5.40 18.83
CA PRO A 182 8.90 -6.64 19.48
C PRO A 182 7.39 -6.85 19.29
N ASP A 183 7.03 -8.07 18.89
CA ASP A 183 5.63 -8.45 18.65
C ASP A 183 4.80 -8.53 19.92
N LEU A 184 3.57 -8.02 19.87
CA LEU A 184 2.69 -8.08 21.03
C LEU A 184 2.10 -9.47 21.14
N ASN A 185 1.70 -9.84 22.35
CA ASN A 185 1.12 -11.15 22.59
C ASN A 185 -0.40 -11.04 22.71
N TRP A 186 -1.08 -11.23 21.57
CA TRP A 186 -2.53 -11.18 21.50
C TRP A 186 -3.22 -12.28 22.31
N ASP A 187 -2.46 -13.29 22.71
CA ASP A 187 -3.02 -14.38 23.50
C ASP A 187 -3.43 -13.85 24.88
N ASN A 188 -2.61 -12.92 25.39
CA ASN A 188 -2.85 -12.30 26.68
C ASN A 188 -4.02 -11.31 26.57
N PRO A 189 -5.18 -11.64 27.17
CA PRO A 189 -6.37 -10.78 27.14
C PRO A 189 -6.16 -9.35 27.63
N LYS A 190 -5.04 -9.10 28.30
CA LYS A 190 -4.76 -7.76 28.80
C LYS A 190 -4.24 -6.86 27.65
N VAL A 191 -3.46 -7.45 26.76
CA VAL A 191 -2.93 -6.69 25.62
C VAL A 191 -4.09 -6.28 24.69
N ARG A 192 -4.99 -7.22 24.43
CA ARG A 192 -6.14 -6.96 23.57
C ARG A 192 -6.98 -5.79 24.08
N GLU A 193 -7.28 -5.80 25.37
CA GLU A 193 -8.07 -4.74 25.97
C GLU A 193 -7.38 -3.39 25.91
N ASP A 194 -6.07 -3.36 26.18
CA ASP A 194 -5.35 -2.09 26.11
C ASP A 194 -5.35 -1.58 24.68
N LEU A 195 -5.31 -2.50 23.73
CA LEU A 195 -5.31 -2.16 22.31
C LEU A 195 -6.68 -1.63 21.89
N TYR A 196 -7.74 -2.25 22.37
CA TYR A 196 -9.08 -1.79 22.00
C TYR A 196 -9.34 -0.41 22.62
N ALA A 197 -8.84 -0.20 23.82
CA ALA A 197 -9.00 1.08 24.49
C ALA A 197 -8.32 2.13 23.62
N MET A 198 -7.10 1.82 23.19
CA MET A 198 -6.31 2.71 22.34
C MET A 198 -7.03 3.05 21.04
N LEU A 199 -7.73 2.07 20.47
CA LEU A 199 -8.45 2.30 19.22
C LEU A 199 -9.58 3.31 19.40
N ARG A 200 -10.45 3.07 20.38
CA ARG A 200 -11.56 3.98 20.62
C ARG A 200 -11.05 5.39 20.93
N PHE A 201 -9.83 5.48 21.44
CA PHE A 201 -9.24 6.80 21.73
C PHE A 201 -9.27 7.62 20.44
N TRP A 202 -8.76 7.04 19.36
CA TRP A 202 -8.73 7.72 18.06
C TRP A 202 -10.09 7.83 17.41
N LEU A 203 -10.87 6.74 17.43
CA LEU A 203 -12.21 6.75 16.84
C LEU A 203 -13.09 7.82 17.50
N ASP A 204 -12.92 8.01 18.80
CA ASP A 204 -13.71 9.00 19.52
C ASP A 204 -13.39 10.41 19.02
N LYS A 205 -12.22 10.58 18.42
CA LYS A 205 -11.82 11.88 17.92
C LYS A 205 -12.27 12.18 16.49
N GLY A 206 -12.95 11.23 15.85
CA GLY A 206 -13.43 11.47 14.50
C GLY A 206 -12.82 10.73 13.33
N VAL A 207 -11.80 9.90 13.54
CA VAL A 207 -11.21 9.18 12.41
C VAL A 207 -12.27 8.26 11.81
N SER A 208 -12.42 8.31 10.49
CA SER A 208 -13.43 7.49 9.83
C SER A 208 -12.95 6.17 9.25
N GLY A 209 -11.66 5.87 9.37
CA GLY A 209 -11.16 4.63 8.81
C GLY A 209 -9.88 4.13 9.43
N MET A 210 -9.66 2.83 9.35
CA MET A 210 -8.45 2.24 9.90
C MET A 210 -7.84 1.23 8.95
N ARG A 211 -6.55 1.39 8.73
CA ARG A 211 -5.80 0.48 7.88
C ARG A 211 -4.92 -0.31 8.84
N PHE A 212 -5.20 -1.60 8.96
CA PHE A 212 -4.45 -2.45 9.88
C PHE A 212 -3.22 -3.11 9.23
N ASP A 213 -2.05 -2.70 9.72
CA ASP A 213 -0.76 -3.19 9.24
C ASP A 213 -0.52 -4.64 9.61
N THR A 214 -0.23 -5.45 8.59
CA THR A 214 0.00 -6.89 8.76
C THR A 214 -0.95 -7.51 9.79
N VAL A 215 -2.24 -7.55 9.45
CA VAL A 215 -3.27 -8.11 10.33
C VAL A 215 -3.34 -9.61 10.40
N ALA A 216 -2.69 -10.30 9.47
CA ALA A 216 -2.71 -11.74 9.44
C ALA A 216 -1.69 -12.40 10.36
N THR A 217 -0.88 -11.60 11.03
CA THR A 217 0.15 -12.13 11.91
C THR A 217 -0.09 -11.89 13.41
N TYR A 218 -1.26 -11.38 13.77
CA TYR A 218 -1.58 -11.11 15.19
C TYR A 218 -1.41 -12.34 16.07
N SER A 219 -1.88 -13.48 15.57
CA SER A 219 -1.81 -14.74 16.31
C SER A 219 -0.59 -15.57 15.92
N LYS A 220 0.16 -16.02 16.93
CA LYS A 220 1.36 -16.80 16.69
C LYS A 220 1.04 -18.30 16.72
N ILE A 221 1.97 -19.10 16.22
CA ILE A 221 1.82 -20.55 16.18
C ILE A 221 2.21 -21.18 17.53
N PRO A 222 1.25 -21.83 18.22
CA PRO A 222 1.54 -22.45 19.51
C PRO A 222 2.78 -23.34 19.49
N GLY A 223 3.58 -23.24 20.55
CA GLY A 223 4.78 -24.04 20.65
C GLY A 223 5.97 -23.56 19.83
N PHE A 224 5.76 -22.58 18.96
CA PHE A 224 6.82 -22.04 18.11
C PHE A 224 7.66 -23.12 17.45
N PRO A 225 7.01 -24.14 16.84
CA PRO A 225 7.75 -25.22 16.18
C PRO A 225 8.72 -24.67 15.13
N ASN A 226 9.77 -25.41 14.83
CA ASN A 226 10.72 -24.97 13.82
C ASN A 226 10.05 -24.97 12.44
N LEU A 227 10.75 -24.44 11.45
CA LEU A 227 10.23 -24.39 10.09
C LEU A 227 10.95 -25.41 9.21
N THR A 228 10.18 -26.16 8.44
CA THR A 228 10.77 -27.15 7.54
C THR A 228 11.52 -26.39 6.45
N PRO A 229 12.34 -27.09 5.65
CA PRO A 229 13.08 -26.38 4.60
C PRO A 229 12.14 -25.54 3.73
N GLU A 230 10.96 -26.10 3.44
CA GLU A 230 9.95 -25.45 2.64
C GLU A 230 9.43 -24.18 3.31
N GLN A 231 8.88 -24.33 4.51
CA GLN A 231 8.33 -23.20 5.26
C GLN A 231 9.31 -22.07 5.46
N GLN A 232 10.60 -22.41 5.47
CA GLN A 232 11.67 -21.43 5.65
C GLN A 232 11.55 -20.36 4.56
N LYS A 233 11.34 -20.81 3.33
CA LYS A 233 11.20 -19.92 2.19
C LYS A 233 9.99 -19.01 2.35
N ASN A 234 8.80 -19.59 2.31
CA ASN A 234 7.56 -18.83 2.44
C ASN A 234 7.24 -18.55 3.90
N PHE A 235 8.24 -18.10 4.66
CA PHE A 235 8.01 -17.82 6.07
C PHE A 235 6.95 -16.73 6.21
N ALA A 236 6.90 -15.81 5.26
CA ALA A 236 5.92 -14.74 5.30
C ALA A 236 4.52 -15.34 5.40
N GLU A 237 4.30 -16.45 4.71
CA GLU A 237 3.00 -17.12 4.72
C GLU A 237 2.72 -17.88 6.02
N GLN A 238 3.75 -18.52 6.59
CA GLN A 238 3.58 -19.28 7.84
C GLN A 238 3.13 -18.39 8.99
N TYR A 239 3.62 -17.16 9.01
CA TYR A 239 3.27 -16.22 10.07
C TYR A 239 1.81 -15.82 10.02
N THR A 240 1.11 -16.21 8.96
CA THR A 240 -0.30 -15.87 8.82
C THR A 240 -1.14 -17.09 9.22
N MET A 241 -0.45 -18.20 9.52
CA MET A 241 -1.08 -19.46 9.92
C MET A 241 -1.55 -19.48 11.38
N GLY A 242 -1.66 -18.33 12.00
CA GLY A 242 -2.09 -18.26 13.39
C GLY A 242 -3.46 -18.88 13.60
N PRO A 243 -3.61 -19.79 14.58
CA PRO A 243 -4.88 -20.46 14.89
C PRO A 243 -5.96 -19.59 15.51
N ASN A 244 -5.63 -18.37 15.92
CA ASN A 244 -6.62 -17.49 16.52
C ASN A 244 -6.81 -16.15 15.81
N ILE A 245 -6.25 -16.03 14.61
CA ILE A 245 -6.35 -14.77 13.85
C ILE A 245 -7.75 -14.23 13.64
N HIS A 246 -8.64 -15.05 13.08
CA HIS A 246 -10.01 -14.58 12.83
C HIS A 246 -10.79 -14.50 14.13
N ARG A 247 -10.32 -15.23 15.14
CA ARG A 247 -10.93 -15.23 16.47
C ARG A 247 -10.70 -13.82 17.03
N TYR A 248 -9.44 -13.40 16.99
CA TYR A 248 -9.04 -12.09 17.50
C TYR A 248 -9.63 -10.92 16.70
N ILE A 249 -9.50 -10.96 15.38
CA ILE A 249 -10.04 -9.89 14.55
C ILE A 249 -11.55 -9.77 14.77
N GLN A 250 -12.24 -10.90 14.90
CA GLN A 250 -13.68 -10.87 15.13
C GLN A 250 -13.96 -10.22 16.48
N GLU A 251 -13.11 -10.49 17.47
CA GLU A 251 -13.27 -9.91 18.79
C GLU A 251 -13.11 -8.40 18.69
N MET A 252 -12.08 -7.96 17.99
CA MET A 252 -11.80 -6.54 17.82
C MET A 252 -13.00 -5.88 17.14
N ASN A 253 -13.68 -6.63 16.27
CA ASN A 253 -14.85 -6.11 15.59
C ASN A 253 -15.97 -5.93 16.61
N ARG A 254 -16.28 -7.00 17.34
CA ARG A 254 -17.32 -6.97 18.37
C ARG A 254 -17.05 -5.83 19.32
N LYS A 255 -15.89 -5.88 19.94
CA LYS A 255 -15.43 -4.90 20.93
C LYS A 255 -15.31 -3.45 20.47
N VAL A 256 -14.77 -3.24 19.27
CA VAL A 256 -14.55 -1.88 18.75
C VAL A 256 -15.12 -1.51 17.39
N LEU A 257 -14.57 -2.10 16.34
CA LEU A 257 -14.96 -1.82 14.95
C LEU A 257 -16.46 -1.68 14.68
N SER A 258 -17.24 -2.64 15.17
CA SER A 258 -18.69 -2.65 14.96
C SER A 258 -19.42 -1.59 15.76
N ARG A 259 -18.70 -0.86 16.60
CA ARG A 259 -19.34 0.16 17.43
C ARG A 259 -19.05 1.60 17.03
N TYR A 260 -18.56 1.76 15.80
CA TYR A 260 -18.27 3.08 15.24
C TYR A 260 -18.43 2.94 13.74
N ASP A 261 -18.67 4.05 13.05
CA ASP A 261 -18.77 3.98 11.60
C ASP A 261 -17.34 4.13 11.09
N VAL A 262 -16.68 3.00 10.85
CA VAL A 262 -15.30 3.00 10.40
C VAL A 262 -15.02 2.02 9.25
N ALA A 263 -14.49 2.54 8.16
CA ALA A 263 -14.15 1.68 7.02
C ALA A 263 -12.84 1.01 7.41
N THR A 264 -12.77 -0.31 7.28
CA THR A 264 -11.57 -1.03 7.67
C THR A 264 -10.87 -1.74 6.52
N ALA A 265 -9.56 -1.56 6.45
CA ALA A 265 -8.75 -2.18 5.43
C ALA A 265 -7.64 -2.97 6.09
N GLY A 266 -7.50 -4.23 5.71
CA GLY A 266 -6.46 -5.03 6.32
C GLY A 266 -5.36 -5.41 5.36
N GLU A 267 -4.11 -5.15 5.73
CA GLU A 267 -2.99 -5.53 4.86
C GLU A 267 -2.69 -6.98 5.18
N ILE A 268 -3.10 -7.88 4.30
CA ILE A 268 -2.88 -9.31 4.51
C ILE A 268 -1.65 -9.84 3.78
N PHE A 269 -0.48 -9.27 4.09
CA PHE A 269 0.73 -9.73 3.43
C PHE A 269 1.02 -11.18 3.85
N GLY A 270 1.24 -12.04 2.88
CA GLY A 270 1.52 -13.44 3.18
C GLY A 270 0.33 -14.37 3.12
N VAL A 271 -0.88 -13.83 3.20
CA VAL A 271 -2.09 -14.65 3.16
C VAL A 271 -2.36 -15.11 1.72
N PRO A 272 -2.41 -16.43 1.50
CA PRO A 272 -2.68 -16.92 0.15
C PRO A 272 -4.05 -16.41 -0.28
N LEU A 273 -4.25 -16.27 -1.58
CA LEU A 273 -5.51 -15.76 -2.12
C LEU A 273 -6.73 -16.55 -1.65
N ASP A 274 -6.60 -17.88 -1.61
CA ASP A 274 -7.71 -18.75 -1.19
C ASP A 274 -8.02 -18.64 0.30
N ARG A 275 -7.37 -17.70 0.98
CA ARG A 275 -7.60 -17.49 2.40
C ARG A 275 -7.95 -16.05 2.74
N SER A 276 -8.06 -15.20 1.73
CA SER A 276 -8.37 -13.80 1.96
C SER A 276 -9.84 -13.58 2.33
N SER A 277 -10.71 -14.40 1.76
CA SER A 277 -12.15 -14.31 1.98
C SER A 277 -12.55 -14.17 3.45
N GLN A 278 -11.91 -14.96 4.31
CA GLN A 278 -12.19 -14.96 5.73
C GLN A 278 -11.98 -13.59 6.39
N PHE A 279 -11.16 -12.75 5.77
CA PHE A 279 -10.89 -11.42 6.34
C PHE A 279 -11.89 -10.33 5.94
N PHE A 280 -12.43 -10.42 4.73
CA PHE A 280 -13.35 -9.39 4.28
C PHE A 280 -14.79 -9.79 3.93
N ASP A 281 -15.12 -11.05 4.13
CA ASP A 281 -16.47 -11.55 3.86
C ASP A 281 -17.45 -10.79 4.76
N ARG A 282 -18.39 -10.05 4.16
CA ARG A 282 -19.36 -9.29 4.94
C ARG A 282 -19.90 -10.08 6.12
N ARG A 283 -20.40 -11.26 5.80
CA ARG A 283 -21.00 -12.17 6.77
C ARG A 283 -20.16 -12.47 8.01
N ARG A 284 -18.83 -12.48 7.85
CA ARG A 284 -17.93 -12.78 8.96
C ARG A 284 -17.71 -11.66 9.99
N HIS A 285 -18.17 -10.46 9.69
CA HIS A 285 -18.00 -9.33 10.61
C HIS A 285 -16.56 -9.12 11.08
N GLU A 286 -15.65 -9.01 10.13
CA GLU A 286 -14.25 -8.78 10.44
C GLU A 286 -13.76 -7.47 9.82
N LEU A 287 -13.24 -7.52 8.60
CA LEU A 287 -12.76 -6.32 7.92
C LEU A 287 -13.55 -6.06 6.64
N ASN A 288 -13.79 -4.77 6.35
CA ASN A 288 -14.53 -4.36 5.16
C ASN A 288 -13.87 -4.66 3.81
N MET A 289 -12.57 -4.39 3.68
CA MET A 289 -11.81 -4.64 2.45
C MET A 289 -10.37 -4.91 2.82
N ALA A 290 -9.64 -5.59 1.94
CA ALA A 290 -8.25 -5.91 2.23
C ALA A 290 -7.25 -5.46 1.14
N PHE A 291 -5.98 -5.48 1.50
CA PHE A 291 -4.93 -5.14 0.57
C PHE A 291 -4.22 -6.46 0.31
N MET A 292 -4.36 -6.97 -0.90
CA MET A 292 -3.70 -8.22 -1.28
C MET A 292 -2.43 -7.86 -2.01
N PHE A 293 -1.46 -8.78 -2.02
CA PHE A 293 -0.22 -8.47 -2.68
C PHE A 293 0.15 -9.35 -3.86
N ASP A 294 -0.79 -10.20 -4.27
CA ASP A 294 -0.58 -11.09 -5.40
C ASP A 294 -0.19 -10.34 -6.68
N LEU A 295 -0.84 -9.21 -6.93
CA LEU A 295 -0.55 -8.42 -8.10
C LEU A 295 0.72 -7.56 -7.99
N ILE A 296 0.75 -6.68 -6.99
CA ILE A 296 1.90 -5.80 -6.82
C ILE A 296 3.23 -6.54 -6.69
N ARG A 297 3.18 -7.81 -6.27
CA ARG A 297 4.38 -8.61 -6.13
C ARG A 297 4.46 -9.77 -7.13
N LEU A 298 3.77 -9.65 -8.27
CA LEU A 298 3.78 -10.73 -9.25
C LEU A 298 5.13 -11.03 -9.87
N ASP A 299 6.03 -10.05 -9.86
CA ASP A 299 7.34 -10.25 -10.45
C ASP A 299 8.48 -10.36 -9.43
N ARG A 300 8.15 -10.79 -8.22
CA ARG A 300 9.17 -10.96 -7.17
C ARG A 300 9.53 -12.43 -7.04
N ASP A 301 10.84 -12.72 -7.05
CA ASP A 301 11.32 -14.09 -6.89
C ASP A 301 10.76 -14.66 -5.59
N SER A 302 10.62 -15.99 -5.54
CA SER A 302 10.08 -16.68 -4.37
C SER A 302 11.03 -16.73 -3.18
N ASN A 303 12.31 -17.00 -3.44
CA ASN A 303 13.30 -17.10 -2.37
C ASN A 303 13.95 -15.76 -2.01
N GLU A 304 14.25 -14.98 -3.02
CA GLU A 304 14.89 -13.69 -2.82
C GLU A 304 13.91 -12.54 -3.05
N ARG A 305 13.24 -12.15 -1.97
CA ARG A 305 12.24 -11.07 -1.99
C ARG A 305 12.70 -9.76 -2.65
N TRP A 306 14.00 -9.55 -2.73
CA TRP A 306 14.53 -8.33 -3.32
C TRP A 306 14.75 -8.41 -4.82
N ARG A 307 14.75 -9.62 -5.36
CA ARG A 307 14.99 -9.81 -6.78
C ARG A 307 13.77 -9.65 -7.69
N HIS A 308 13.98 -8.92 -8.79
CA HIS A 308 12.93 -8.68 -9.77
C HIS A 308 13.06 -9.68 -10.93
N LYS A 309 11.92 -10.20 -11.39
CA LYS A 309 11.92 -11.15 -12.49
C LYS A 309 10.88 -10.70 -13.50
N SER A 310 11.02 -11.19 -14.73
CA SER A 310 10.10 -10.84 -15.80
C SER A 310 8.66 -11.31 -15.56
N TRP A 311 7.70 -10.53 -16.07
CA TRP A 311 6.28 -10.84 -15.97
C TRP A 311 5.65 -10.46 -17.30
N SER A 312 4.42 -10.92 -17.54
CA SER A 312 3.73 -10.62 -18.79
C SER A 312 2.32 -10.14 -18.47
N LEU A 313 1.67 -9.56 -19.46
CA LEU A 313 0.32 -9.07 -19.31
C LEU A 313 -0.64 -10.21 -18.95
N SER A 314 -0.51 -11.34 -19.63
CA SER A 314 -1.37 -12.48 -19.35
C SER A 314 -1.28 -12.87 -17.88
N GLN A 315 -0.08 -12.81 -17.33
CA GLN A 315 0.12 -13.13 -15.91
C GLN A 315 -0.64 -12.09 -15.09
N PHE A 316 -0.37 -10.83 -15.41
CA PHE A 316 -0.98 -9.66 -14.75
C PHE A 316 -2.50 -9.74 -14.69
N ARG A 317 -3.13 -9.81 -15.87
CA ARG A 317 -4.59 -9.86 -15.95
C ARG A 317 -5.18 -11.09 -15.30
N GLN A 318 -4.47 -12.22 -15.38
CA GLN A 318 -4.97 -13.46 -14.81
C GLN A 318 -5.02 -13.41 -13.29
N ILE A 319 -4.09 -12.65 -12.69
CA ILE A 319 -4.09 -12.50 -11.25
C ILE A 319 -5.30 -11.63 -10.87
N ILE A 320 -5.59 -10.64 -11.70
CA ILE A 320 -6.73 -9.76 -11.45
C ILE A 320 -8.06 -10.49 -11.56
N SER A 321 -8.17 -11.39 -12.54
CA SER A 321 -9.40 -12.16 -12.68
C SER A 321 -9.63 -13.03 -11.45
N LYS A 322 -8.56 -13.71 -11.02
CA LYS A 322 -8.62 -14.58 -9.84
C LYS A 322 -9.05 -13.80 -8.61
N MET A 323 -8.47 -12.61 -8.44
CA MET A 323 -8.84 -11.79 -7.29
C MET A 323 -10.33 -11.47 -7.34
N ASP A 324 -10.82 -11.05 -8.50
CA ASP A 324 -12.22 -10.69 -8.62
C ASP A 324 -13.13 -11.86 -8.29
N VAL A 325 -12.75 -13.05 -8.74
CA VAL A 325 -13.54 -14.24 -8.48
C VAL A 325 -13.55 -14.54 -6.98
N THR A 326 -12.37 -14.49 -6.37
CA THR A 326 -12.24 -14.75 -4.95
C THR A 326 -13.02 -13.75 -4.13
N VAL A 327 -12.98 -12.49 -4.53
CA VAL A 327 -13.71 -11.46 -3.79
C VAL A 327 -15.19 -11.81 -3.81
N GLY A 328 -15.64 -12.34 -4.95
CA GLY A 328 -17.03 -12.72 -5.09
C GLY A 328 -18.05 -11.64 -4.76
N LYS A 329 -19.25 -12.07 -4.39
CA LYS A 329 -20.33 -11.15 -4.07
C LYS A 329 -20.33 -10.63 -2.64
N TYR A 330 -19.67 -11.37 -1.74
CA TYR A 330 -19.67 -10.99 -0.33
C TYR A 330 -18.47 -10.21 0.22
N GLY A 331 -17.37 -10.17 -0.51
CA GLY A 331 -16.21 -9.45 -0.02
C GLY A 331 -16.02 -8.13 -0.75
N TRP A 332 -14.80 -7.61 -0.69
CA TRP A 332 -14.46 -6.36 -1.36
C TRP A 332 -12.96 -6.18 -1.31
N ASN A 333 -12.44 -5.54 -2.36
CA ASN A 333 -11.02 -5.36 -2.50
C ASN A 333 -10.62 -3.91 -2.75
N THR A 334 -9.31 -3.67 -2.66
CA THR A 334 -8.72 -2.36 -2.94
C THR A 334 -7.93 -2.61 -4.22
N PHE A 335 -7.56 -1.54 -4.91
CA PHE A 335 -6.74 -1.68 -6.09
C PHE A 335 -5.64 -0.65 -5.96
N PHE A 336 -4.39 -1.10 -6.06
CA PHE A 336 -3.23 -0.22 -5.94
C PHE A 336 -2.04 -0.83 -6.68
N LEU A 337 -1.26 0.01 -7.35
CA LEU A 337 -0.10 -0.48 -8.10
C LEU A 337 1.23 -0.07 -7.46
N ASP A 338 1.15 0.66 -6.36
CA ASP A 338 2.33 1.06 -5.61
C ASP A 338 1.89 1.61 -4.25
N ASN A 339 2.86 1.90 -3.39
CA ASN A 339 2.62 2.45 -2.06
C ASN A 339 3.96 2.66 -1.38
N HIS A 340 3.97 2.95 -0.09
CA HIS A 340 5.25 3.21 0.60
C HIS A 340 6.16 2.01 0.77
N ASP A 341 5.67 0.80 0.48
CA ASP A 341 6.49 -0.39 0.62
C ASP A 341 6.84 -0.98 -0.73
N ASN A 342 6.62 -0.23 -1.81
CA ASN A 342 6.87 -0.74 -3.15
C ASN A 342 7.37 0.32 -4.11
N PRO A 343 7.97 -0.10 -5.23
CA PRO A 343 8.48 0.85 -6.23
C PRO A 343 7.35 1.60 -6.94
N ARG A 344 7.66 2.76 -7.53
CA ARG A 344 6.63 3.55 -8.20
C ARG A 344 5.85 2.77 -9.26
N ALA A 345 4.55 3.05 -9.33
CA ALA A 345 3.68 2.37 -10.28
C ALA A 345 4.10 2.46 -11.75
N VAL A 346 4.41 3.68 -12.22
CA VAL A 346 4.80 3.83 -13.62
C VAL A 346 6.09 3.14 -14.00
N SER A 347 7.05 3.11 -13.06
CA SER A 347 8.34 2.47 -13.30
C SER A 347 8.16 0.95 -13.33
N HIS A 348 7.39 0.46 -12.37
CA HIS A 348 7.13 -0.95 -12.19
C HIS A 348 6.19 -1.57 -13.22
N PHE A 349 5.03 -0.94 -13.44
CA PHE A 349 4.07 -1.49 -14.38
C PHE A 349 4.01 -0.78 -15.74
N GLY A 350 4.53 0.44 -15.82
CA GLY A 350 4.55 1.15 -17.08
C GLY A 350 5.98 1.24 -17.58
N ASP A 351 6.34 2.40 -18.11
CA ASP A 351 7.70 2.63 -18.61
C ASP A 351 8.06 4.07 -18.23
N ASP A 352 8.96 4.21 -17.25
CA ASP A 352 9.32 5.55 -16.79
C ASP A 352 10.32 6.35 -17.61
N ARG A 353 10.76 5.82 -18.75
CA ARG A 353 11.69 6.53 -19.63
C ARG A 353 10.98 7.80 -20.12
N PRO A 354 11.72 8.89 -20.36
CA PRO A 354 11.19 10.18 -20.82
C PRO A 354 10.18 10.13 -21.96
N GLN A 355 10.38 9.22 -22.90
CA GLN A 355 9.49 9.09 -24.06
C GLN A 355 8.18 8.37 -23.73
N TRP A 356 8.15 7.57 -22.68
CA TRP A 356 6.93 6.83 -22.39
C TRP A 356 6.26 7.04 -21.04
N ARG A 357 6.90 7.80 -20.17
CA ARG A 357 6.36 8.02 -18.83
C ARG A 357 4.91 8.48 -18.78
N GLU A 358 4.63 9.63 -19.38
CA GLU A 358 3.28 10.20 -19.40
C GLU A 358 2.25 9.24 -19.97
N ALA A 359 2.49 8.74 -21.18
CA ALA A 359 1.56 7.83 -21.82
C ALA A 359 1.28 6.59 -20.97
N SER A 360 2.33 5.91 -20.51
CA SER A 360 2.09 4.71 -19.70
C SER A 360 1.45 5.06 -18.36
N ALA A 361 1.77 6.23 -17.82
CA ALA A 361 1.19 6.67 -16.56
C ALA A 361 -0.31 6.80 -16.76
N LYS A 362 -0.71 7.47 -17.83
CA LYS A 362 -2.13 7.65 -18.13
C LYS A 362 -2.81 6.32 -18.37
N ALA A 363 -2.09 5.37 -18.97
CA ALA A 363 -2.65 4.04 -19.22
C ALA A 363 -2.97 3.39 -17.87
N LEU A 364 -2.01 3.39 -16.96
CA LEU A 364 -2.20 2.78 -15.65
C LEU A 364 -3.31 3.50 -14.86
N ALA A 365 -3.47 4.80 -15.09
CA ALA A 365 -4.52 5.56 -14.41
C ALA A 365 -5.87 5.04 -14.88
N THR A 366 -6.00 4.85 -16.20
CA THR A 366 -7.23 4.36 -16.78
C THR A 366 -7.66 3.07 -16.08
N ILE A 367 -6.70 2.16 -15.89
CA ILE A 367 -6.97 0.89 -15.22
C ILE A 367 -7.35 1.09 -13.76
N THR A 368 -6.51 1.83 -13.04
CA THR A 368 -6.69 2.08 -11.61
C THR A 368 -8.08 2.56 -11.20
N LEU A 369 -8.71 3.40 -12.01
CA LEU A 369 -10.02 3.92 -11.63
C LEU A 369 -11.24 3.24 -12.23
N THR A 370 -11.04 2.13 -12.92
CA THR A 370 -12.14 1.38 -13.54
C THR A 370 -12.12 -0.10 -13.14
N GLN A 371 -11.75 -0.37 -11.89
CA GLN A 371 -11.68 -1.73 -11.38
C GLN A 371 -12.83 -1.93 -10.37
N ARG A 372 -13.23 -3.17 -10.12
CA ARG A 372 -14.29 -3.46 -9.16
C ARG A 372 -13.60 -3.58 -7.80
N ALA A 373 -13.01 -2.47 -7.38
CA ALA A 373 -12.29 -2.40 -6.13
C ALA A 373 -12.12 -0.93 -5.77
N THR A 374 -11.80 -0.67 -4.51
CA THR A 374 -11.61 0.70 -4.09
C THR A 374 -10.17 1.10 -4.44
N PRO A 375 -10.02 2.06 -5.36
CA PRO A 375 -8.68 2.49 -5.76
C PRO A 375 -7.95 3.33 -4.72
N PHE A 376 -6.65 3.05 -4.57
CA PHE A 376 -5.79 3.79 -3.66
C PHE A 376 -4.66 4.39 -4.49
N ILE A 377 -4.64 5.72 -4.55
CA ILE A 377 -3.64 6.48 -5.28
C ILE A 377 -2.53 6.90 -4.30
N TYR A 378 -1.31 6.43 -4.52
CA TYR A 378 -0.20 6.79 -3.62
C TYR A 378 0.33 8.17 -3.99
N GLN A 379 0.57 9.00 -2.98
CA GLN A 379 1.05 10.37 -3.18
C GLN A 379 2.14 10.54 -4.24
N GLY A 380 1.86 11.39 -5.22
CA GLY A 380 2.84 11.66 -6.26
C GLY A 380 2.70 10.84 -7.53
N SER A 381 1.98 9.72 -7.47
CA SER A 381 1.80 8.92 -8.67
C SER A 381 0.73 9.52 -9.58
N GLU A 382 -0.07 10.43 -9.04
CA GLU A 382 -1.09 11.09 -9.85
C GLU A 382 -0.35 12.02 -10.80
N LEU A 383 0.93 12.28 -10.50
CA LEU A 383 1.78 13.16 -11.30
C LEU A 383 2.67 12.36 -12.25
N GLY A 384 2.77 11.06 -11.98
CA GLY A 384 3.61 10.19 -12.77
C GLY A 384 5.02 10.16 -12.18
N MET A 385 5.13 10.31 -10.86
CA MET A 385 6.45 10.28 -10.23
C MET A 385 7.07 8.91 -10.43
N THR A 386 8.40 8.89 -10.57
CA THR A 386 9.11 7.65 -10.86
C THR A 386 10.11 7.23 -9.81
N ASN A 387 10.69 6.05 -10.06
CA ASN A 387 11.72 5.50 -9.21
C ASN A 387 12.86 6.49 -9.13
N TYR A 388 13.67 6.36 -8.09
CA TYR A 388 14.79 7.27 -7.90
C TYR A 388 16.10 6.71 -8.49
N PRO A 389 16.94 7.56 -9.09
CA PRO A 389 18.20 7.06 -9.65
C PRO A 389 19.28 6.86 -8.57
N PHE A 390 19.18 5.75 -7.85
CA PHE A 390 20.12 5.45 -6.78
C PHE A 390 21.53 5.22 -7.37
N ARG A 391 22.47 6.09 -6.99
CA ARG A 391 23.84 6.00 -7.48
C ARG A 391 24.62 4.81 -6.93
N GLN A 392 24.46 4.56 -5.64
CA GLN A 392 25.12 3.43 -5.01
C GLN A 392 24.32 2.95 -3.81
N LEU A 393 24.75 1.83 -3.23
CA LEU A 393 24.05 1.23 -2.10
C LEU A 393 23.73 2.12 -0.91
N ASN A 394 24.61 3.07 -0.61
CA ASN A 394 24.39 3.93 0.55
C ASN A 394 23.35 5.03 0.36
N GLU A 395 22.71 5.10 -0.81
CA GLU A 395 21.69 6.11 -1.03
C GLU A 395 20.31 5.58 -0.67
N PHE A 396 20.28 4.36 -0.15
CA PHE A 396 19.05 3.74 0.32
C PHE A 396 19.01 3.87 1.85
N ASP A 397 17.82 4.10 2.40
CA ASP A 397 17.61 4.19 3.85
C ASP A 397 16.92 2.90 4.26
N ASP A 398 16.23 2.31 3.29
CA ASP A 398 15.47 1.07 3.44
C ASP A 398 16.17 0.01 4.30
N ILE A 399 15.67 -0.21 5.51
CA ILE A 399 16.26 -1.22 6.39
C ILE A 399 16.01 -2.61 5.83
N GLU A 400 15.00 -2.72 4.99
CA GLU A 400 14.73 -4.01 4.37
C GLU A 400 15.90 -4.30 3.45
N VAL A 401 16.41 -3.25 2.80
CA VAL A 401 17.53 -3.39 1.87
C VAL A 401 18.83 -3.70 2.62
N LYS A 402 19.07 -2.97 3.70
CA LYS A 402 20.28 -3.23 4.48
C LYS A 402 20.20 -4.65 5.02
N GLY A 403 18.99 -5.09 5.36
CA GLY A 403 18.78 -6.43 5.87
C GLY A 403 19.05 -7.47 4.79
N PHE A 404 18.67 -7.16 3.56
CA PHE A 404 18.89 -8.06 2.44
C PHE A 404 20.38 -8.16 2.14
N TRP A 405 21.08 -7.04 2.29
CA TRP A 405 22.51 -7.00 2.03
C TRP A 405 23.26 -7.97 2.92
N GLN A 406 22.90 -7.99 4.20
CA GLN A 406 23.52 -8.88 5.18
C GLN A 406 23.26 -10.35 4.84
N ASP A 407 22.00 -10.68 4.58
CA ASP A 407 21.60 -12.04 4.26
C ASP A 407 22.03 -12.61 2.90
N TYR A 408 22.25 -11.75 1.91
CA TYR A 408 22.61 -12.25 0.58
C TYR A 408 23.95 -11.78 0.01
N VAL A 409 24.44 -10.63 0.43
CA VAL A 409 25.72 -10.14 -0.08
C VAL A 409 26.86 -10.54 0.86
N GLN A 410 26.63 -10.42 2.16
CA GLN A 410 27.64 -10.80 3.14
C GLN A 410 27.83 -12.31 3.05
N SER A 411 26.73 -13.01 2.79
CA SER A 411 26.75 -14.46 2.66
C SER A 411 27.32 -14.90 1.31
N GLY A 412 27.49 -13.95 0.40
CA GLY A 412 28.02 -14.27 -0.92
C GLY A 412 27.02 -14.92 -1.85
N LYS A 413 25.75 -14.97 -1.44
CA LYS A 413 24.71 -15.58 -2.25
C LYS A 413 24.40 -14.78 -3.51
N VAL A 414 24.88 -13.55 -3.58
CA VAL A 414 24.66 -12.69 -4.74
C VAL A 414 25.70 -11.56 -4.71
N THR A 415 26.11 -11.11 -5.89
CA THR A 415 27.10 -10.04 -5.99
C THR A 415 26.51 -8.69 -5.67
N ALA A 416 27.33 -7.79 -5.16
CA ALA A 416 26.90 -6.45 -4.80
C ALA A 416 26.31 -5.71 -6.01
N THR A 417 26.88 -5.95 -7.19
CA THR A 417 26.40 -5.28 -8.41
C THR A 417 25.00 -5.76 -8.78
N GLU A 418 24.83 -7.07 -8.88
CA GLU A 418 23.53 -7.62 -9.24
C GLU A 418 22.50 -7.27 -8.17
N PHE A 419 22.94 -7.23 -6.92
CA PHE A 419 22.06 -6.90 -5.81
C PHE A 419 21.54 -5.48 -6.01
N LEU A 420 22.45 -4.55 -6.30
CA LEU A 420 22.10 -3.16 -6.51
C LEU A 420 21.17 -3.01 -7.70
N ASP A 421 21.49 -3.67 -8.81
CA ASP A 421 20.64 -3.59 -10.00
C ASP A 421 19.20 -3.90 -9.63
N ASN A 422 19.02 -4.88 -8.76
CA ASN A 422 17.68 -5.28 -8.35
C ASN A 422 16.99 -4.41 -7.32
N VAL A 423 17.65 -4.05 -6.22
CA VAL A 423 16.99 -3.23 -5.23
C VAL A 423 16.64 -1.86 -5.82
N ARG A 424 17.35 -1.47 -6.87
CA ARG A 424 17.07 -0.21 -7.55
C ARG A 424 15.65 -0.25 -8.12
N LEU A 425 15.22 -1.46 -8.49
CA LEU A 425 13.90 -1.67 -9.09
C LEU A 425 12.83 -2.06 -8.07
N THR A 426 13.23 -2.65 -6.95
CA THR A 426 12.24 -3.09 -5.98
C THR A 426 12.17 -2.38 -4.64
N SER A 427 13.19 -1.61 -4.28
CA SER A 427 13.19 -0.94 -2.98
C SER A 427 12.01 0.00 -2.74
N ARG A 428 11.51 -0.02 -1.51
CA ARG A 428 10.41 0.85 -1.09
C ARG A 428 10.88 2.32 -1.07
N ASP A 429 12.18 2.54 -1.03
CA ASP A 429 12.68 3.91 -1.02
C ASP A 429 12.32 4.62 -2.32
N ASN A 430 12.04 3.85 -3.37
CA ASN A 430 11.68 4.45 -4.65
C ASN A 430 10.44 5.35 -4.51
N SER A 431 9.56 4.99 -3.59
CA SER A 431 8.31 5.73 -3.35
C SER A 431 8.36 6.63 -2.12
N ARG A 432 9.56 6.79 -1.55
CA ARG A 432 9.70 7.60 -0.35
C ARG A 432 10.41 8.94 -0.51
N THR A 433 10.79 9.29 -1.74
CA THR A 433 11.45 10.56 -1.97
C THR A 433 10.36 11.64 -1.87
N PRO A 434 10.71 12.83 -1.36
CA PRO A 434 9.75 13.93 -1.20
C PRO A 434 8.86 14.27 -2.40
N PHE A 435 7.60 14.58 -2.11
CA PHE A 435 6.61 14.94 -3.12
C PHE A 435 7.13 16.13 -3.92
N GLN A 436 6.84 16.15 -5.22
CA GLN A 436 7.31 17.22 -6.09
C GLN A 436 6.23 18.25 -6.47
N TRP A 437 6.14 19.30 -5.67
CA TRP A 437 5.13 20.35 -5.85
C TRP A 437 5.32 21.32 -7.02
N ASN A 438 6.52 21.89 -7.14
CA ASN A 438 6.78 22.83 -8.22
C ASN A 438 8.25 22.71 -8.60
N ASP A 439 8.76 23.65 -9.39
CA ASP A 439 10.16 23.57 -9.81
C ASP A 439 11.10 24.50 -9.06
N THR A 440 10.70 24.96 -7.89
CA THR A 440 11.58 25.80 -7.07
C THR A 440 12.55 24.82 -6.38
N LEU A 441 13.52 25.34 -5.65
CA LEU A 441 14.48 24.48 -4.96
C LEU A 441 13.76 23.45 -4.10
N ASN A 442 14.26 22.22 -4.13
CA ASN A 442 13.68 21.12 -3.36
C ASN A 442 12.25 20.83 -3.82
N ALA A 443 11.96 21.22 -5.06
CA ALA A 443 10.65 20.99 -5.66
C ALA A 443 9.51 21.60 -4.86
N GLY A 444 9.80 22.67 -4.11
CA GLY A 444 8.77 23.32 -3.31
C GLY A 444 8.32 22.47 -2.15
N PHE A 445 9.12 21.46 -1.81
CA PHE A 445 8.78 20.55 -0.71
C PHE A 445 9.18 21.15 0.62
N THR A 446 10.31 21.84 0.63
CA THR A 446 10.86 22.45 1.83
C THR A 446 11.85 23.56 1.44
N ARG A 447 12.26 24.35 2.42
CA ARG A 447 13.23 25.41 2.17
C ARG A 447 14.48 25.02 2.94
N GLY A 448 14.36 23.94 3.67
CA GLY A 448 15.49 23.44 4.43
C GLY A 448 16.14 22.33 3.63
N LYS A 449 16.87 21.46 4.30
CA LYS A 449 17.52 20.35 3.62
C LYS A 449 16.53 19.20 3.67
N PRO A 450 16.13 18.66 2.50
CA PRO A 450 15.18 17.54 2.46
C PRO A 450 15.75 16.34 3.22
N TRP A 451 14.93 15.70 4.04
CA TRP A 451 15.39 14.56 4.81
C TRP A 451 15.88 13.38 3.96
N PHE A 452 15.35 13.24 2.74
CA PHE A 452 15.74 12.15 1.84
C PHE A 452 15.83 12.79 0.43
N HIS A 453 16.81 12.36 -0.36
CA HIS A 453 17.04 12.92 -1.69
C HIS A 453 15.82 13.02 -2.59
N ILE A 454 15.66 14.19 -3.19
CA ILE A 454 14.55 14.45 -4.09
C ILE A 454 14.96 14.12 -5.52
N ASN A 455 14.05 13.53 -6.28
CA ASN A 455 14.34 13.17 -7.66
C ASN A 455 14.55 14.40 -8.53
N PRO A 456 15.68 14.46 -9.24
CA PRO A 456 16.05 15.56 -10.13
C PRO A 456 15.03 15.78 -11.25
N ASN A 457 14.23 14.76 -11.55
CA ASN A 457 13.24 14.93 -12.59
C ASN A 457 12.06 15.81 -12.13
N TYR A 458 12.18 16.39 -10.94
CA TYR A 458 11.12 17.27 -10.44
C TYR A 458 10.96 18.49 -11.35
N VAL A 459 12.03 18.86 -12.06
CA VAL A 459 11.97 20.01 -12.95
C VAL A 459 10.98 19.76 -14.09
N GLU A 460 10.62 18.50 -14.28
CA GLU A 460 9.70 18.07 -15.32
C GLU A 460 8.40 17.58 -14.69
N ILE A 461 8.55 16.72 -13.69
CA ILE A 461 7.44 16.12 -12.99
C ILE A 461 7.12 16.86 -11.68
N ASN A 462 6.16 17.78 -11.74
CA ASN A 462 5.76 18.51 -10.55
C ASN A 462 4.31 18.96 -10.66
N ALA A 463 3.60 18.92 -9.52
CA ALA A 463 2.18 19.28 -9.46
C ALA A 463 1.82 20.57 -10.17
N GLU A 464 2.51 21.64 -9.83
CA GLU A 464 2.24 22.95 -10.42
C GLU A 464 2.27 22.90 -11.95
N ARG A 465 3.39 22.48 -12.51
CA ARG A 465 3.51 22.41 -13.95
C ARG A 465 2.38 21.61 -14.58
N GLU A 466 1.99 20.51 -13.95
CA GLU A 466 0.92 19.69 -14.49
C GLU A 466 -0.49 20.28 -14.34
N GLU A 467 -0.71 21.07 -13.30
CA GLU A 467 -2.03 21.65 -13.08
C GLU A 467 -2.52 22.52 -14.24
N THR A 468 -1.61 23.25 -14.88
CA THR A 468 -1.99 24.14 -15.98
C THR A 468 -1.97 23.50 -17.38
N ARG A 469 -1.39 22.31 -17.49
CA ARG A 469 -1.33 21.62 -18.78
C ARG A 469 -2.42 20.59 -18.93
N GLU A 470 -3.35 20.85 -19.85
CA GLU A 470 -4.47 19.97 -20.08
C GLU A 470 -4.18 18.52 -20.42
N ASP A 471 -2.99 18.24 -20.95
CA ASP A 471 -2.66 16.86 -21.27
C ASP A 471 -1.76 16.19 -20.24
N SER A 472 -1.62 16.82 -19.07
CA SER A 472 -0.77 16.27 -18.01
C SER A 472 -1.36 15.02 -17.37
N VAL A 473 -0.52 14.22 -16.73
CA VAL A 473 -0.96 13.02 -16.05
C VAL A 473 -1.94 13.38 -14.94
N LEU A 474 -1.66 14.49 -14.25
CA LEU A 474 -2.51 14.96 -13.15
C LEU A 474 -3.93 15.17 -13.63
N ASN A 475 -4.09 15.98 -14.67
CA ASN A 475 -5.42 16.25 -15.17
C ASN A 475 -6.10 15.02 -15.71
N TYR A 476 -5.32 14.05 -16.20
CA TYR A 476 -5.95 12.83 -16.70
C TYR A 476 -6.52 12.09 -15.50
N TYR A 477 -5.78 12.08 -14.38
CA TYR A 477 -6.26 11.43 -13.17
C TYR A 477 -7.54 12.12 -12.69
N LYS A 478 -7.57 13.45 -12.75
CA LYS A 478 -8.76 14.19 -12.36
C LYS A 478 -9.97 13.67 -13.13
N LYS A 479 -9.82 13.57 -14.45
CA LYS A 479 -10.89 13.09 -15.30
C LYS A 479 -11.32 11.65 -15.00
N MET A 480 -10.35 10.75 -14.79
CA MET A 480 -10.68 9.36 -14.50
C MET A 480 -11.46 9.25 -13.20
N ILE A 481 -11.05 10.00 -12.19
CA ILE A 481 -11.72 9.98 -10.90
C ILE A 481 -13.13 10.53 -11.05
N GLN A 482 -13.27 11.56 -11.88
CA GLN A 482 -14.57 12.17 -12.14
C GLN A 482 -15.48 11.14 -12.81
N LEU A 483 -14.94 10.35 -13.74
CA LEU A 483 -15.73 9.33 -14.42
C LEU A 483 -16.18 8.26 -13.43
N ARG A 484 -15.31 7.91 -12.50
CA ARG A 484 -15.65 6.89 -11.52
C ARG A 484 -16.78 7.38 -10.60
N HIS A 485 -16.72 8.66 -10.25
CA HIS A 485 -17.75 9.25 -9.38
C HIS A 485 -19.11 9.34 -10.05
N HIS A 486 -19.14 9.34 -11.38
CA HIS A 486 -20.40 9.50 -12.11
C HIS A 486 -20.95 8.29 -12.86
N ILE A 487 -20.17 7.21 -12.95
CA ILE A 487 -20.64 6.03 -13.65
C ILE A 487 -20.63 4.80 -12.76
N PRO A 488 -21.74 4.56 -12.03
CA PRO A 488 -21.89 3.43 -11.10
C PRO A 488 -21.28 2.12 -11.61
N ALA A 489 -21.50 1.80 -12.87
CA ALA A 489 -20.97 0.57 -13.46
C ALA A 489 -19.47 0.43 -13.24
N LEU A 490 -18.74 1.54 -13.24
CA LEU A 490 -17.30 1.50 -13.03
C LEU A 490 -16.96 1.07 -11.61
N VAL A 491 -17.91 1.21 -10.70
CA VAL A 491 -17.70 0.83 -9.31
C VAL A 491 -18.23 -0.58 -9.02
N TYR A 492 -19.52 -0.80 -9.28
CA TYR A 492 -20.14 -2.09 -9.00
C TYR A 492 -20.29 -3.09 -10.14
N GLY A 493 -20.21 -2.63 -11.39
CA GLY A 493 -20.36 -3.52 -12.51
C GLY A 493 -19.52 -4.79 -12.46
N ALA A 494 -20.03 -5.87 -13.03
CA ALA A 494 -19.30 -7.14 -13.06
C ALA A 494 -18.04 -6.94 -13.90
N TYR A 495 -16.98 -7.67 -13.56
CA TYR A 495 -15.70 -7.59 -14.26
C TYR A 495 -15.57 -8.77 -15.21
N GLN A 496 -15.17 -8.49 -16.45
CA GLN A 496 -15.01 -9.54 -17.44
C GLN A 496 -13.79 -9.34 -18.33
N ASP A 497 -12.84 -10.26 -18.26
CA ASP A 497 -11.64 -10.16 -19.07
C ASP A 497 -11.95 -10.81 -20.42
N LEU A 498 -12.04 -9.99 -21.46
CA LEU A 498 -12.36 -10.47 -22.80
C LEU A 498 -11.36 -11.47 -23.38
N ASN A 499 -10.10 -11.42 -22.93
CA ASN A 499 -9.09 -12.35 -23.45
C ASN A 499 -7.92 -12.54 -22.49
N PRO A 500 -8.10 -13.41 -21.47
CA PRO A 500 -7.09 -13.73 -20.45
C PRO A 500 -5.70 -14.11 -20.97
N GLN A 501 -5.60 -14.54 -22.22
CA GLN A 501 -4.31 -14.95 -22.77
C GLN A 501 -3.53 -13.91 -23.58
N ASP A 502 -4.17 -12.79 -23.90
CA ASP A 502 -3.50 -11.75 -24.68
C ASP A 502 -2.40 -11.08 -23.87
N ASN A 503 -1.22 -10.96 -24.47
CA ASN A 503 -0.07 -10.33 -23.80
C ASN A 503 0.20 -8.94 -24.35
N THR A 504 -0.67 -8.45 -25.22
CA THR A 504 -0.49 -7.14 -25.83
C THR A 504 -1.52 -6.12 -25.38
N VAL A 505 -2.78 -6.45 -25.55
CA VAL A 505 -3.83 -5.52 -25.19
C VAL A 505 -4.70 -6.00 -24.04
N TYR A 506 -4.73 -5.23 -22.95
CA TYR A 506 -5.54 -5.56 -21.80
C TYR A 506 -6.92 -4.99 -22.12
N ALA A 507 -7.93 -5.86 -22.19
CA ALA A 507 -9.29 -5.42 -22.49
C ALA A 507 -10.28 -6.12 -21.56
N TYR A 508 -11.20 -5.36 -21.00
CA TYR A 508 -12.20 -5.93 -20.11
C TYR A 508 -13.46 -5.10 -20.08
N THR A 509 -14.56 -5.71 -19.66
CA THR A 509 -15.82 -4.97 -19.57
C THR A 509 -16.26 -4.85 -18.12
N ARG A 510 -17.06 -3.82 -17.85
CA ARG A 510 -17.62 -3.56 -16.53
C ARG A 510 -19.12 -3.49 -16.83
N THR A 511 -19.88 -4.42 -16.28
CA THR A 511 -21.31 -4.47 -16.57
C THR A 511 -22.23 -4.34 -15.35
N LEU A 512 -23.09 -3.33 -15.37
CA LEU A 512 -24.06 -3.13 -14.29
C LEU A 512 -25.42 -3.08 -14.95
N GLY A 513 -26.06 -4.23 -15.05
CA GLY A 513 -27.37 -4.29 -15.69
C GLY A 513 -27.17 -4.27 -17.19
N ASN A 514 -27.69 -3.24 -17.85
CA ASN A 514 -27.54 -3.12 -19.30
C ASN A 514 -26.49 -2.06 -19.65
N GLU A 515 -25.89 -1.46 -18.64
CA GLU A 515 -24.85 -0.45 -18.86
C GLU A 515 -23.53 -1.22 -18.94
N ARG A 516 -22.99 -1.34 -20.15
CA ARG A 516 -21.73 -2.05 -20.37
C ARG A 516 -20.63 -1.08 -20.75
N TYR A 517 -19.47 -1.22 -20.12
CA TYR A 517 -18.34 -0.37 -20.48
C TYR A 517 -17.15 -1.25 -20.82
N LEU A 518 -16.38 -0.81 -21.80
CA LEU A 518 -15.20 -1.53 -22.26
C LEU A 518 -13.96 -0.70 -21.96
N VAL A 519 -12.96 -1.33 -21.34
CA VAL A 519 -11.71 -0.64 -21.04
C VAL A 519 -10.64 -1.37 -21.84
N VAL A 520 -9.84 -0.59 -22.57
CA VAL A 520 -8.78 -1.15 -23.42
C VAL A 520 -7.45 -0.46 -23.16
N VAL A 521 -6.39 -1.26 -23.04
CA VAL A 521 -5.06 -0.72 -22.81
C VAL A 521 -4.00 -1.41 -23.64
N ASN A 522 -3.32 -0.65 -24.49
CA ASN A 522 -2.24 -1.23 -25.29
C ASN A 522 -1.00 -1.23 -24.38
N PHE A 523 -0.55 -2.39 -23.96
CA PHE A 523 0.63 -2.45 -23.11
C PHE A 523 1.93 -2.37 -23.90
N LYS A 524 1.83 -2.41 -25.22
CA LYS A 524 3.03 -2.37 -26.07
C LYS A 524 3.46 -0.99 -26.53
N GLU A 525 4.72 -0.88 -26.94
CA GLU A 525 5.26 0.39 -27.40
C GLU A 525 5.28 0.56 -28.92
N TYR A 526 4.42 -0.21 -29.58
CA TYR A 526 4.22 -0.12 -31.02
C TYR A 526 2.71 -0.18 -31.17
N PRO A 527 2.17 0.38 -32.26
CA PRO A 527 0.73 0.40 -32.53
C PRO A 527 0.14 -1.00 -32.63
N VAL A 528 -1.13 -1.12 -32.29
CA VAL A 528 -1.83 -2.39 -32.32
C VAL A 528 -3.30 -2.15 -32.68
N ARG A 529 -3.84 -3.05 -33.49
CA ARG A 529 -5.23 -2.99 -33.89
C ARG A 529 -5.99 -3.98 -33.02
N TYR A 530 -6.94 -3.50 -32.21
CA TYR A 530 -7.72 -4.39 -31.36
C TYR A 530 -9.12 -4.62 -31.92
N THR A 531 -9.49 -5.89 -32.10
CA THR A 531 -10.80 -6.25 -32.65
C THR A 531 -11.79 -6.57 -31.53
N LEU A 532 -12.89 -5.83 -31.45
CA LEU A 532 -13.87 -6.10 -30.38
C LEU A 532 -14.58 -7.42 -30.67
N PRO A 533 -15.21 -8.02 -29.64
CA PRO A 533 -15.93 -9.27 -29.87
C PRO A 533 -16.96 -8.97 -30.97
N ALA A 534 -17.22 -9.96 -31.83
CA ALA A 534 -18.14 -9.80 -32.96
C ALA A 534 -19.53 -9.21 -32.69
N ASN A 535 -20.12 -9.49 -31.53
CA ASN A 535 -21.45 -8.96 -31.23
C ASN A 535 -21.42 -7.62 -30.52
N ASP A 536 -20.23 -7.15 -30.17
CA ASP A 536 -20.09 -5.90 -29.46
C ASP A 536 -19.87 -4.69 -30.37
N ALA A 537 -20.50 -3.58 -30.00
CA ALA A 537 -20.39 -2.35 -30.76
C ALA A 537 -20.14 -1.17 -29.82
N ILE A 538 -19.23 -0.30 -30.22
CA ILE A 538 -18.93 0.87 -29.43
C ILE A 538 -19.96 1.93 -29.77
N GLU A 539 -20.70 2.39 -28.76
CA GLU A 539 -21.72 3.41 -28.99
C GLU A 539 -21.20 4.78 -28.60
N GLU A 540 -20.33 4.83 -27.59
CA GLU A 540 -19.80 6.11 -27.12
C GLU A 540 -18.37 5.96 -26.58
N VAL A 541 -17.62 7.04 -26.70
CA VAL A 541 -16.26 7.09 -26.18
C VAL A 541 -16.32 7.91 -24.90
N VAL A 542 -16.06 7.25 -23.77
CA VAL A 542 -16.08 7.92 -22.47
C VAL A 542 -14.81 8.74 -22.28
N ILE A 543 -13.69 8.18 -22.72
CA ILE A 543 -12.40 8.87 -22.59
C ILE A 543 -11.28 8.03 -23.17
N ASP A 544 -10.19 8.71 -23.54
CA ASP A 544 -9.03 8.01 -24.05
C ASP A 544 -7.83 8.92 -23.85
N THR A 545 -6.66 8.30 -23.86
CA THR A 545 -5.40 9.00 -23.63
C THR A 545 -4.87 9.90 -24.73
N GLN A 546 -5.41 9.80 -25.93
CA GLN A 546 -4.94 10.63 -27.03
C GLN A 546 -5.66 11.97 -27.03
N GLN A 547 -4.91 13.06 -27.12
CA GLN A 547 -5.50 14.39 -27.12
C GLN A 547 -6.24 14.62 -28.43
N GLN A 548 -5.61 14.25 -29.55
CA GLN A 548 -6.22 14.40 -30.85
C GLN A 548 -7.29 13.31 -31.05
N ALA A 549 -6.84 12.14 -31.48
CA ALA A 549 -7.72 10.97 -31.72
C ALA A 549 -9.22 11.25 -31.67
N ALA A 550 -9.86 11.19 -32.84
CA ALA A 550 -11.30 11.41 -32.95
C ALA A 550 -12.04 10.13 -32.60
N ALA A 551 -13.37 10.17 -32.65
CA ALA A 551 -14.19 9.01 -32.34
C ALA A 551 -13.86 7.85 -33.28
N PRO A 552 -13.63 6.65 -32.73
CA PRO A 552 -13.32 5.49 -33.55
C PRO A 552 -14.62 4.93 -34.09
N HIS A 553 -14.55 3.85 -34.86
CA HIS A 553 -15.79 3.27 -35.32
C HIS A 553 -16.11 2.10 -34.39
N SER A 554 -17.30 1.54 -34.55
CA SER A 554 -17.81 0.46 -33.70
C SER A 554 -17.10 -0.88 -33.56
N THR A 555 -16.45 -1.38 -34.60
CA THR A 555 -15.85 -2.70 -34.52
C THR A 555 -14.39 -2.88 -34.07
N SER A 556 -13.57 -1.84 -34.17
CA SER A 556 -12.18 -2.00 -33.77
C SER A 556 -11.54 -0.70 -33.36
N LEU A 557 -10.35 -0.82 -32.78
CA LEU A 557 -9.58 0.33 -32.32
C LEU A 557 -8.14 0.24 -32.83
N SER A 558 -7.64 1.35 -33.36
CA SER A 558 -6.25 1.40 -33.79
C SER A 558 -5.60 2.09 -32.61
N LEU A 559 -4.86 1.33 -31.82
CA LEU A 559 -4.22 1.87 -30.64
C LEU A 559 -2.77 2.23 -30.84
N SER A 560 -2.41 3.43 -30.41
CA SER A 560 -1.03 3.90 -30.48
C SER A 560 -0.31 3.32 -29.26
N PRO A 561 1.02 3.45 -29.21
CA PRO A 561 1.77 2.92 -28.06
C PRO A 561 1.19 3.39 -26.72
N TRP A 562 1.00 2.44 -25.80
CA TRP A 562 0.47 2.74 -24.48
C TRP A 562 -0.88 3.48 -24.47
N GLN A 563 -1.65 3.37 -25.55
CA GLN A 563 -2.94 4.03 -25.60
C GLN A 563 -3.97 3.31 -24.75
N ALA A 564 -4.82 4.08 -24.07
CA ALA A 564 -5.86 3.53 -23.22
C ALA A 564 -7.18 4.23 -23.48
N GLY A 565 -8.28 3.55 -23.19
CA GLY A 565 -9.58 4.16 -23.38
C GLY A 565 -10.71 3.43 -22.70
N VAL A 566 -11.79 4.16 -22.42
CA VAL A 566 -12.99 3.61 -21.81
C VAL A 566 -14.12 3.88 -22.80
N TYR A 567 -14.91 2.85 -23.10
CA TYR A 567 -15.99 3.00 -24.05
C TYR A 567 -17.28 2.39 -23.53
N LYS A 568 -18.39 2.96 -23.94
CA LYS A 568 -19.70 2.45 -23.54
C LYS A 568 -20.16 1.62 -24.72
N LEU A 569 -20.53 0.37 -24.46
CA LEU A 569 -20.99 -0.54 -25.51
C LEU A 569 -22.50 -0.52 -25.62
N ARG A 570 -23.05 -1.05 -26.71
CA ARG A 570 -24.50 -1.06 -26.83
C ARG A 570 -25.03 -2.14 -25.90
#